data_8F3K
#
_entry.id   8F3K
#
_cell.length_a   42.622
_cell.length_b   46.105
_cell.length_c   69.974
_cell.angle_alpha   90.00
_cell.angle_beta   90.00
_cell.angle_gamma   90.00
#
_symmetry.space_group_name_H-M   'P 21 21 21'
#
loop_
_entity.id
_entity.type
_entity.pdbx_description
1 polymer ACRIIC5Nch
2 non-polymer 2-AMINO-2-HYDROXYMETHYL-PROPANE-1,3-DIOL
3 non-polymer 'AMMONIUM ION'
4 non-polymer GLYCEROL
5 water water
#
_entity_poly.entity_id   1
_entity_poly.type   'polypeptide(L)'
_entity_poly.pdbx_seq_one_letter_code
;(MSE)TIKEDG(MSE)SETQYFVSHDGNRHDLFDTLEQAEHYILKKNGWTDGEIAEKWAFVKKEARKYGGDPFSSNGRHS
LWFITELKLSDGVI(MSE)EVDGQLFDDYVESISAERGTEEFAETKRRLVGYYLGW
;
_entity_poly.pdbx_strand_id   A
#
loop_
_chem_comp.id
_chem_comp.type
_chem_comp.name
_chem_comp.formula
GOL non-polymer GLYCEROL 'C3 H8 O3'
NH4 non-polymer 'AMMONIUM ION' 'H4 N 1'
TRS non-polymer 2-AMINO-2-HYDROXYMETHYL-PROPANE-1,3-DIOL 'C4 H12 N O3 1'
#
# COMPACT_ATOMS: atom_id res chain seq x y z
N SER A 9 10.88 -11.02 11.67
CA SER A 9 10.64 -10.15 10.52
C SER A 9 9.43 -10.60 9.74
N GLU A 10 8.56 -9.65 9.38
CA GLU A 10 7.26 -10.00 8.82
C GLU A 10 6.81 -8.90 7.87
N THR A 11 6.17 -9.31 6.78
CA THR A 11 5.69 -8.40 5.76
C THR A 11 4.19 -8.24 5.89
N GLN A 12 3.73 -6.99 5.79
CA GLN A 12 2.31 -6.63 5.77
C GLN A 12 2.04 -5.72 4.59
N TYR A 13 0.79 -5.71 4.15
CA TYR A 13 0.36 -4.99 2.95
C TYR A 13 -0.68 -3.96 3.36
N PHE A 14 -0.32 -2.70 3.20
CA PHE A 14 -1.09 -1.56 3.67
C PHE A 14 -1.92 -1.04 2.51
N VAL A 15 -3.24 -0.98 2.69
CA VAL A 15 -4.15 -0.51 1.65
C VAL A 15 -4.61 0.88 2.01
N SER A 16 -4.47 1.81 1.06
CA SER A 16 -4.94 3.17 1.22
C SER A 16 -5.74 3.57 -0.01
N HIS A 17 -6.63 4.55 0.15
CA HIS A 17 -7.41 5.07 -0.98
C HIS A 17 -7.44 6.58 -0.92
N ASP A 18 -6.85 7.23 -1.93
CA ASP A 18 -6.80 8.69 -2.00
C ASP A 18 -6.29 9.30 -0.70
N GLY A 19 -5.26 8.68 -0.13
CA GLY A 19 -4.65 9.18 1.08
C GLY A 19 -5.26 8.66 2.38
N ASN A 20 -6.41 8.00 2.31
CA ASN A 20 -7.08 7.51 3.50
C ASN A 20 -6.69 6.07 3.78
N ARG A 21 -6.43 5.79 5.06
CA ARG A 21 -6.01 4.46 5.48
C ARG A 21 -7.20 3.48 5.48
N HIS A 22 -6.97 2.28 4.95
CA HIS A 22 -8.00 1.24 5.01
C HIS A 22 -7.61 0.13 5.99
N ASP A 23 -6.57 -0.65 5.72
CA ASP A 23 -6.24 -1.74 6.64
C ASP A 23 -4.82 -2.23 6.39
N LEU A 24 -4.33 -3.01 7.35
CA LEU A 24 -3.11 -3.80 7.18
C LEU A 24 -3.52 -5.26 7.01
N PHE A 25 -3.03 -5.88 5.95
CA PHE A 25 -3.35 -7.27 5.64
C PHE A 25 -2.09 -8.10 5.67
N ASP A 26 -2.28 -9.40 5.95
CA ASP A 26 -1.13 -10.27 6.11
C ASP A 26 -0.52 -10.68 4.78
N THR A 27 -1.30 -10.68 3.69
CA THR A 27 -0.80 -11.12 2.40
C THR A 27 -1.28 -10.18 1.30
N LEU A 28 -0.58 -10.22 0.17
CA LEU A 28 -0.98 -9.39 -0.98
C LEU A 28 -2.36 -9.78 -1.49
N GLU A 29 -2.64 -11.09 -1.58
CA GLU A 29 -3.91 -11.53 -2.11
C GLU A 29 -5.06 -11.00 -1.28
N GLN A 30 -4.90 -10.99 0.05
CA GLN A 30 -5.93 -10.41 0.91
C GLN A 30 -6.15 -8.93 0.62
N ALA A 31 -5.06 -8.17 0.50
CA ALA A 31 -5.18 -6.74 0.19
C ALA A 31 -5.85 -6.53 -1.17
N GLU A 32 -5.40 -7.25 -2.21
CA GLU A 32 -6.03 -7.18 -3.52
C GLU A 32 -7.51 -7.56 -3.46
N HIS A 33 -7.85 -8.63 -2.74
CA HIS A 33 -9.23 -9.06 -2.65
C HIS A 33 -10.11 -7.97 -2.03
N TYR A 34 -9.59 -7.31 -1.01
CA TYR A 34 -10.35 -6.27 -0.33
C TYR A 34 -10.66 -5.11 -1.29
N ILE A 35 -9.66 -4.65 -2.05
CA ILE A 35 -9.89 -3.56 -3.01
C ILE A 35 -10.91 -3.98 -4.05
N LEU A 36 -10.77 -5.19 -4.59
CA LEU A 36 -11.69 -5.62 -5.64
C LEU A 36 -13.12 -5.69 -5.12
N LYS A 37 -13.31 -6.20 -3.90
CA LYS A 37 -14.64 -6.23 -3.34
C LYS A 37 -15.17 -4.82 -3.12
N LYS A 38 -14.30 -3.91 -2.65
CA LYS A 38 -14.67 -2.50 -2.49
C LYS A 38 -15.10 -1.90 -3.82
N ASN A 39 -14.47 -2.30 -4.91
CA ASN A 39 -14.84 -1.81 -6.23
C ASN A 39 -16.02 -2.55 -6.83
N GLY A 40 -16.63 -3.48 -6.11
CA GLY A 40 -17.84 -4.11 -6.59
C GLY A 40 -17.65 -5.35 -7.42
N TRP A 41 -16.43 -5.87 -7.54
CA TRP A 41 -16.24 -7.17 -8.18
C TRP A 41 -17.08 -8.23 -7.47
N THR A 42 -17.72 -9.09 -8.25
CA THR A 42 -18.28 -10.31 -7.66
C THR A 42 -17.17 -11.30 -7.34
N ASP A 43 -17.47 -12.24 -6.44
CA ASP A 43 -16.50 -13.29 -6.15
C ASP A 43 -16.23 -14.12 -7.40
N GLY A 44 -17.27 -14.34 -8.22
CA GLY A 44 -17.06 -15.00 -9.50
C GLY A 44 -16.09 -14.25 -10.39
N GLU A 45 -16.32 -12.94 -10.57
CA GLU A 45 -15.46 -12.12 -11.44
C GLU A 45 -14.01 -12.20 -11.00
N ILE A 46 -13.77 -12.13 -9.70
CA ILE A 46 -12.40 -12.17 -9.19
C ILE A 46 -11.72 -13.47 -9.63
N ALA A 47 -12.35 -14.60 -9.34
CA ALA A 47 -11.69 -15.87 -9.61
C ALA A 47 -11.48 -16.10 -11.10
N GLU A 48 -12.36 -15.58 -11.94
CA GLU A 48 -12.28 -15.83 -13.39
C GLU A 48 -11.46 -14.79 -14.14
N LYS A 49 -11.31 -13.58 -13.61
CA LYS A 49 -10.77 -12.49 -14.40
C LYS A 49 -9.64 -11.72 -13.74
N TRP A 50 -9.44 -11.83 -12.43
CA TRP A 50 -8.50 -10.92 -11.76
C TRP A 50 -7.07 -11.17 -12.18
N ALA A 51 -6.65 -12.44 -12.21
CA ALA A 51 -5.28 -12.74 -12.58
C ALA A 51 -4.95 -12.17 -13.96
N PHE A 52 -5.88 -12.29 -14.91
CA PHE A 52 -5.68 -11.76 -16.25
C PHE A 52 -5.61 -10.24 -16.24
N VAL A 53 -6.59 -9.59 -15.60
CA VAL A 53 -6.61 -8.13 -15.53
C VAL A 53 -5.34 -7.59 -14.88
N LYS A 54 -4.88 -8.23 -13.80
CA LYS A 54 -3.68 -7.75 -13.12
C LYS A 54 -2.44 -7.84 -14.01
N LYS A 55 -2.28 -8.95 -14.72
CA LYS A 55 -1.11 -9.10 -15.57
C LYS A 55 -1.16 -8.18 -16.78
N GLU A 56 -2.33 -8.03 -17.41
CA GLU A 56 -2.42 -7.13 -18.55
C GLU A 56 -2.19 -5.69 -18.11
N ALA A 57 -2.75 -5.29 -16.97
CA ALA A 57 -2.47 -3.97 -16.44
C ALA A 57 -0.98 -3.78 -16.15
N ARG A 58 -0.35 -4.79 -15.55
CA ARG A 58 1.09 -4.75 -15.34
C ARG A 58 1.82 -4.50 -16.64
N LYS A 59 1.47 -5.28 -17.65
CA LYS A 59 2.22 -5.29 -18.89
C LYS A 59 2.15 -3.95 -19.62
N TYR A 60 1.07 -3.17 -19.45
CA TYR A 60 0.85 -1.98 -20.29
C TYR A 60 0.68 -0.70 -19.49
N GLY A 61 1.26 -0.62 -18.29
CA GLY A 61 1.21 0.60 -17.49
C GLY A 61 -0.12 0.99 -16.87
N GLY A 62 -1.14 0.12 -16.92
CA GLY A 62 -2.46 0.50 -16.44
C GLY A 62 -2.66 0.24 -14.95
N ASP A 63 -3.79 0.74 -14.45
CA ASP A 63 -4.15 0.56 -13.04
C ASP A 63 -5.06 -0.65 -12.93
N PRO A 64 -4.60 -1.78 -12.40
CA PRO A 64 -5.48 -2.96 -12.30
C PRO A 64 -6.72 -2.72 -11.47
N PHE A 65 -6.69 -1.73 -10.56
CA PHE A 65 -7.83 -1.42 -9.73
C PHE A 65 -8.74 -0.37 -10.32
N SER A 66 -8.44 0.10 -11.53
CA SER A 66 -9.27 1.10 -12.19
C SER A 66 -10.70 0.61 -12.33
N SER A 67 -11.62 1.39 -11.80
CA SER A 67 -13.04 1.09 -11.93
C SER A 67 -13.67 1.80 -13.13
N ASN A 68 -12.96 2.76 -13.76
CA ASN A 68 -13.54 3.46 -14.90
C ASN A 68 -12.54 3.74 -16.03
N GLY A 69 -11.38 3.09 -16.06
CA GLY A 69 -10.40 3.34 -17.10
C GLY A 69 -9.42 4.43 -16.79
N ARG A 70 -9.12 4.64 -15.51
CA ARG A 70 -8.26 5.73 -15.03
C ARG A 70 -7.78 5.31 -13.63
N HIS A 71 -6.71 5.97 -13.15
CA HIS A 71 -6.14 5.58 -11.86
C HIS A 71 -7.20 5.63 -10.76
N SER A 72 -7.29 4.52 -10.01
CA SER A 72 -8.32 4.28 -9.01
C SER A 72 -8.08 4.97 -7.68
N LEU A 73 -6.91 5.58 -7.47
CA LEU A 73 -6.49 6.17 -6.20
C LEU A 73 -6.27 5.11 -5.13
N TRP A 74 -6.38 3.82 -5.48
CA TRP A 74 -6.01 2.74 -4.57
C TRP A 74 -4.52 2.46 -4.63
N PHE A 75 -3.90 2.22 -3.48
CA PHE A 75 -2.53 1.74 -3.47
C PHE A 75 -2.38 0.63 -2.45
N ILE A 76 -1.50 -0.32 -2.75
CA ILE A 76 -1.03 -1.29 -1.78
C ILE A 76 0.44 -0.99 -1.51
N THR A 77 0.78 -0.73 -0.25
CA THR A 77 2.16 -0.52 0.17
C THR A 77 2.65 -1.73 0.96
N GLU A 78 3.85 -2.17 0.68
CA GLU A 78 4.43 -3.32 1.36
C GLU A 78 5.34 -2.83 2.48
N LEU A 79 4.97 -3.16 3.72
CA LEU A 79 5.73 -2.78 4.92
C LEU A 79 6.40 -4.02 5.48
N LYS A 80 7.70 -3.93 5.78
CA LYS A 80 8.38 -4.95 6.54
C LYS A 80 8.52 -4.46 7.99
N LEU A 81 8.19 -5.32 8.94
CA LEU A 81 8.23 -4.94 10.34
C LEU A 81 9.02 -5.97 11.16
N SER A 82 9.62 -5.49 12.26
CA SER A 82 10.17 -6.35 13.31
C SER A 82 9.69 -5.82 14.64
N ASP A 83 9.03 -6.68 15.42
CA ASP A 83 8.50 -6.29 16.73
C ASP A 83 7.60 -5.07 16.60
N GLY A 84 6.83 -5.02 15.52
CA GLY A 84 5.95 -3.89 15.26
C GLY A 84 6.65 -2.61 14.83
N VAL A 85 7.94 -2.65 14.51
CA VAL A 85 8.67 -1.49 14.01
C VAL A 85 8.74 -1.57 12.50
N ILE A 86 8.34 -0.49 11.83
CA ILE A 86 8.46 -0.41 10.37
C ILE A 86 9.94 -0.28 10.00
N MSE A 87 10.43 -1.25 9.26
CA MSE A 87 11.82 -1.28 8.80
C MSE A 87 11.95 -0.82 7.36
O MSE A 87 12.95 -0.20 7.00
CB MSE A 87 12.39 -2.68 8.95
CG MSE A 87 12.03 -3.31 10.26
SE MSE A 87 13.17 -2.49 11.63
CE MSE A 87 14.80 -3.34 11.13
N GLU A 88 10.95 -1.14 6.54
CA GLU A 88 11.02 -0.87 5.10
C GLU A 88 9.65 -0.51 4.55
N VAL A 89 9.65 0.43 3.62
CA VAL A 89 8.47 0.81 2.87
C VAL A 89 8.76 0.47 1.43
N ASP A 90 8.05 -0.52 0.90
CA ASP A 90 8.22 -1.00 -0.48
C ASP A 90 9.68 -1.29 -0.80
N GLY A 91 10.35 -1.98 0.12
CA GLY A 91 11.73 -2.40 -0.07
C GLY A 91 12.76 -1.34 0.21
N GLN A 92 12.37 -0.17 0.70
CA GLN A 92 13.29 0.91 1.00
C GLN A 92 13.35 1.10 2.51
N LEU A 93 14.55 1.25 3.05
CA LEU A 93 14.68 1.45 4.49
C LEU A 93 13.89 2.68 4.91
N PHE A 94 13.09 2.53 5.97
CA PHE A 94 12.10 3.53 6.34
C PHE A 94 12.72 4.93 6.48
N ASP A 95 13.85 5.03 7.19
CA ASP A 95 14.47 6.33 7.45
C ASP A 95 14.95 6.98 6.15
N ASP A 96 15.52 6.18 5.24
CA ASP A 96 15.78 6.62 3.88
C ASP A 96 14.52 7.16 3.21
N TYR A 97 13.39 6.47 3.37
CA TYR A 97 12.14 6.95 2.76
C TYR A 97 11.73 8.29 3.34
N VAL A 98 11.73 8.40 4.67
CA VAL A 98 11.32 9.65 5.32
C VAL A 98 12.21 10.80 4.86
N GLU A 99 13.53 10.55 4.77
CA GLU A 99 14.46 11.58 4.32
C GLU A 99 14.12 12.08 2.93
N SER A 100 13.74 11.17 2.03
CA SER A 100 13.54 11.58 0.65
C SER A 100 12.30 12.45 0.47
N ILE A 101 11.33 12.38 1.39
CA ILE A 101 10.16 13.24 1.32
C ILE A 101 10.21 14.39 2.31
N SER A 102 11.30 14.54 3.05
CA SER A 102 11.43 15.65 3.99
C SER A 102 12.89 16.09 4.07
N ALA A 103 13.52 15.91 5.23
CA ALA A 103 14.91 16.31 5.47
C ALA A 103 15.61 15.14 6.15
N GLU A 104 16.85 15.37 6.58
CA GLU A 104 17.66 14.29 7.13
C GLU A 104 17.39 14.12 8.62
N ARG A 105 17.75 12.94 9.13
CA ARG A 105 17.55 12.66 10.56
C ARG A 105 18.30 13.68 11.40
N GLY A 106 17.75 13.99 12.57
CA GLY A 106 18.27 15.02 13.42
C GLY A 106 17.47 16.30 13.36
N THR A 107 16.69 16.50 12.30
CA THR A 107 15.87 17.70 12.14
C THR A 107 14.46 17.43 12.68
N GLU A 108 13.83 18.49 13.17
CA GLU A 108 12.44 18.37 13.58
C GLU A 108 11.56 17.94 12.42
N GLU A 109 11.90 18.39 11.20
CA GLU A 109 11.12 17.98 10.03
C GLU A 109 11.12 16.47 9.83
N PHE A 110 12.30 15.83 9.97
CA PHE A 110 12.37 14.37 9.91
C PHE A 110 11.51 13.73 10.98
N ALA A 111 11.67 14.18 12.23
CA ALA A 111 10.96 13.56 13.34
C ALA A 111 9.46 13.65 13.15
N GLU A 112 8.96 14.82 12.72
CA GLU A 112 7.52 14.97 12.55
C GLU A 112 7.01 14.15 11.37
N THR A 113 7.80 14.06 10.30
CA THR A 113 7.36 13.31 9.11
C THR A 113 7.26 11.82 9.42
N LYS A 114 8.28 11.26 10.06
CA LYS A 114 8.22 9.85 10.45
C LYS A 114 7.12 9.62 11.48
N ARG A 115 6.96 10.54 12.42
CA ARG A 115 5.94 10.34 13.45
C ARG A 115 4.54 10.23 12.85
N ARG A 116 4.22 11.11 11.89
CA ARG A 116 2.91 11.04 11.26
C ARG A 116 2.75 9.76 10.46
N LEU A 117 3.79 9.39 9.71
CA LEU A 117 3.74 8.16 8.92
C LEU A 117 3.62 6.93 9.80
N VAL A 118 4.35 6.88 10.92
CA VAL A 118 4.20 5.74 11.82
C VAL A 118 2.75 5.61 12.27
N GLY A 119 2.18 6.71 12.78
CA GLY A 119 0.80 6.67 13.24
C GLY A 119 -0.16 6.37 12.11
N TYR A 120 0.13 6.88 10.91
CA TYR A 120 -0.69 6.63 9.74
C TYR A 120 -0.73 5.15 9.40
N TYR A 121 0.45 4.53 9.27
CA TYR A 121 0.51 3.12 8.88
C TYR A 121 -0.12 2.22 9.93
N LEU A 122 0.17 2.47 11.21
CA LEU A 122 -0.29 1.59 12.27
C LEU A 122 -1.70 1.89 12.75
N GLY A 123 -2.37 2.92 12.21
CA GLY A 123 -3.74 3.19 12.59
C GLY A 123 -3.93 3.81 13.96
N TRP A 124 -3.02 4.70 14.37
CA TRP A 124 -3.21 5.44 15.63
C TRP A 124 -4.34 6.46 15.47
C TRS B . -15.94 -5.44 -12.95
C1 TRS B . -16.85 -4.30 -12.44
C2 TRS B . -14.90 -4.91 -13.95
C3 TRS B . -16.83 -6.52 -13.57
N TRS B . -15.23 -6.06 -11.85
O1 TRS B . -16.29 -3.63 -11.32
O2 TRS B . -14.23 -3.76 -13.48
O3 TRS B . -16.29 -6.99 -14.79
N NH4 C . -8.18 -13.35 0.00
N NH4 D . -14.27 -0.97 4.09
N NH4 E . 0.48 -2.51 -12.45
C1 GOL F . 14.07 22.05 11.87
O1 GOL F . 13.39 23.22 12.26
C2 GOL F . 15.30 21.91 12.81
O2 GOL F . 15.07 20.97 13.82
C3 GOL F . 16.47 21.51 11.88
O3 GOL F . 17.48 20.95 12.69
N NH4 G . -6.51 7.71 7.22
N NH4 H . -2.40 -9.59 -25.57
N NH4 I . -8.47 -14.95 -19.90
N NH4 J . -9.45 -9.20 6.79
N NH4 K . -4.59 -1.92 -17.82
N NH4 L . -10.04 -15.67 -1.94
N NH4 M . 13.17 1.58 11.23
N NH4 N . 0.62 -18.62 -14.17
N NH4 O . -14.26 2.97 0.70
N NH4 P . 20.77 12.52 14.40
#